data_3GTY
#
_entry.id   3GTY
#
_cell.length_a   94.162
_cell.length_b   94.162
_cell.length_c   193.072
_cell.angle_alpha   90.000
_cell.angle_beta   90.000
_cell.angle_gamma   90.000
#
_symmetry.space_group_name_H-M   'P 43 21 2'
#
loop_
_entity.id
_entity.type
_entity.pdbx_description
1 polymer 'Trigger factor'
2 polymer '30S ribosomal protein S7'
#
loop_
_entity_poly.entity_id
_entity_poly.type
_entity_poly.pdbx_seq_one_letter_code
_entity_poly.pdbx_strand_id
1 'polypeptide(L)'
;MEVKELERDKNRVVLEYVFGAEEIAQAEDKAVRYLNQRVEIPGFRKGRIPKNVLKMKLGEEFQEYTLDFLMDLIPDTLKD
RKLILSPIVTERELKDVTARVVVEVHEEPEVRIGDISKIEVEKVDEEKVLEKYVERRIEDLRESHALLEPKEGPAEAGDL
VRVNMEVYNEEGKKLTSREYEYVISEDEDRPFVKDLVGKKKGDVVEIEREYEGKKYTYKLEVEEVYKRTLPEIGDELAKS
VNNEFETLEQLKESLKKEGKEIYDVEMKESMREQLLEKLPEIVEIEISDRTLEILVNEAINRLKREGRYEQIVSSYESEE
KFREELKERILDDIKRDRVIEVLAQEKGISVNDEELEKEAEELAPFWGISPDRAKSLVKARQDLREELRWAILKRKVLDL
LLQEVKVKVVEPKGEGDDSEGKEDNLEHHHHHH
;
X
2 'polypeptide(L)'
;MGRQIPPDPVFGDVLVAKLINRVMWDGKKTIAQKIVYGAFDIIREKTKKDPLEVFRQAVENVKPVLEVRPRRVGGATYQV
PIEVQEPRRTSLALRWIVEAARAKKGRPMKEKLAEEIIAAYNNTGTAIKKKEDTHRMAEANRAFAHYRW
;
S
#
# COMPACT_ATOMS: atom_id res chain seq x y z
N MET A 1 2.16 -27.84 40.72
CA MET A 1 1.86 -26.45 40.28
C MET A 1 0.45 -26.08 40.68
N GLU A 2 0.18 -24.79 40.76
CA GLU A 2 -1.11 -24.32 41.21
C GLU A 2 -1.33 -22.92 40.71
N VAL A 3 -2.38 -22.79 39.91
CA VAL A 3 -2.68 -21.58 39.16
C VAL A 3 -3.96 -20.95 39.67
N LYS A 4 -3.91 -19.66 39.95
CA LYS A 4 -5.12 -18.93 40.32
C LYS A 4 -5.20 -17.56 39.61
N GLU A 5 -6.41 -17.21 39.21
CA GLU A 5 -6.65 -15.96 38.54
C GLU A 5 -6.89 -14.87 39.56
N LEU A 6 -5.98 -13.90 39.63
CA LEU A 6 -6.16 -12.74 40.49
C LEU A 6 -7.31 -11.88 40.01
N GLU A 7 -7.06 -11.11 38.95
CA GLU A 7 -8.09 -10.19 38.41
C GLU A 7 -8.45 -10.42 36.93
N ARG A 8 -9.72 -10.16 36.60
CA ARG A 8 -10.21 -10.23 35.23
C ARG A 8 -10.71 -8.86 34.80
N ASP A 9 -10.14 -8.37 33.71
CA ASP A 9 -10.49 -7.07 33.19
C ASP A 9 -10.80 -7.19 31.70
N LYS A 10 -12.06 -7.50 31.42
CA LYS A 10 -12.49 -7.85 30.08
C LYS A 10 -11.58 -8.94 29.51
N ASN A 11 -10.89 -8.64 28.43
CA ASN A 11 -10.03 -9.62 27.83
C ASN A 11 -8.72 -9.78 28.58
N ARG A 12 -8.34 -8.79 29.37
CA ARG A 12 -7.14 -8.92 30.20
C ARG A 12 -7.37 -9.73 31.45
N VAL A 13 -6.70 -10.87 31.51
CA VAL A 13 -6.73 -11.69 32.70
C VAL A 13 -5.30 -11.94 33.16
N VAL A 14 -5.09 -11.94 34.49
CA VAL A 14 -3.78 -12.15 35.10
C VAL A 14 -3.75 -13.45 35.91
N LEU A 15 -2.72 -14.26 35.69
CA LEU A 15 -2.60 -15.52 36.35
C LEU A 15 -1.44 -15.51 37.32
N GLU A 16 -1.61 -16.28 38.40
CA GLU A 16 -0.59 -16.53 39.44
C GLU A 16 -0.20 -17.99 39.41
N TYR A 17 1.06 -18.26 39.09
CA TYR A 17 1.54 -19.60 39.13
C TYR A 17 2.40 -19.79 40.35
N VAL A 18 1.93 -20.61 41.29
CA VAL A 18 2.70 -20.93 42.48
C VAL A 18 3.13 -22.37 42.40
N PHE A 19 4.44 -22.59 42.56
CA PHE A 19 5.01 -23.91 42.44
C PHE A 19 5.39 -24.38 43.81
N GLY A 20 6.67 -24.28 44.11
CA GLY A 20 7.20 -24.63 45.42
C GLY A 20 7.32 -26.10 45.76
N ALA A 21 7.45 -26.36 47.06
CA ALA A 21 7.71 -27.68 47.60
C ALA A 21 8.88 -28.41 46.91
N GLU A 22 8.55 -29.31 45.99
CA GLU A 22 9.56 -30.19 45.42
C GLU A 22 9.79 -29.96 43.93
N GLU A 23 8.73 -29.62 43.21
CA GLU A 23 8.87 -29.25 41.80
C GLU A 23 9.81 -28.05 41.58
N ILE A 24 9.96 -27.22 42.62
CA ILE A 24 11.02 -26.22 42.69
C ILE A 24 12.40 -26.90 42.60
N ALA A 25 12.52 -28.05 43.27
CA ALA A 25 13.77 -28.81 43.30
C ALA A 25 13.93 -29.59 42.02
N GLN A 26 12.82 -30.14 41.51
CA GLN A 26 12.79 -30.93 40.26
C GLN A 26 13.30 -30.08 39.10
N ALA A 27 13.04 -28.78 39.20
CA ALA A 27 13.61 -27.81 38.29
C ALA A 27 15.05 -27.58 38.70
N GLU A 28 15.26 -27.31 39.99
CA GLU A 28 16.58 -27.07 40.50
C GLU A 28 17.51 -28.12 39.89
N ASP A 29 17.05 -29.37 39.89
CA ASP A 29 17.72 -30.47 39.20
C ASP A 29 18.01 -30.11 37.76
N LYS A 30 16.95 -30.01 36.95
CA LYS A 30 17.05 -29.63 35.55
C LYS A 30 18.02 -28.45 35.37
N ALA A 31 18.00 -27.55 36.35
CA ALA A 31 18.87 -26.37 36.36
C ALA A 31 20.32 -26.78 36.45
N VAL A 32 20.60 -27.62 37.44
CA VAL A 32 21.94 -28.13 37.68
C VAL A 32 22.50 -28.88 36.45
N ARG A 33 21.67 -29.73 35.85
CA ARG A 33 22.05 -30.49 34.65
C ARG A 33 22.42 -29.59 33.49
N TYR A 34 21.50 -28.73 33.08
CA TYR A 34 21.77 -27.80 31.99
C TYR A 34 22.93 -26.88 32.32
N LEU A 35 23.03 -26.45 33.57
CA LEU A 35 24.12 -25.56 33.95
C LEU A 35 25.43 -26.31 33.92
N ASN A 36 25.44 -27.52 34.49
CA ASN A 36 26.61 -28.38 34.45
C ASN A 36 27.04 -28.71 33.01
N GLN A 37 26.14 -28.47 32.05
CA GLN A 37 26.47 -28.63 30.63
C GLN A 37 27.07 -27.37 29.99
N ARG A 38 27.35 -26.35 30.81
CA ARG A 38 27.85 -25.06 30.31
C ARG A 38 29.22 -24.67 30.90
N VAL A 39 29.41 -23.37 31.14
CA VAL A 39 30.67 -22.80 31.64
C VAL A 39 31.18 -23.58 32.85
N GLU A 40 32.49 -23.60 33.08
CA GLU A 40 33.01 -24.26 34.29
C GLU A 40 33.97 -23.40 35.13
N ILE A 41 34.45 -23.98 36.24
CA ILE A 41 35.29 -23.28 37.23
C ILE A 41 36.60 -24.05 37.55
N PRO A 42 37.51 -23.47 38.37
CA PRO A 42 38.70 -24.22 38.82
C PRO A 42 38.38 -25.25 39.92
N GLY A 43 37.15 -25.86 39.83
CA GLY A 43 36.71 -26.87 40.79
C GLY A 43 37.51 -28.18 40.62
N LYS A 46 34.73 -32.75 36.04
CA LYS A 46 33.79 -32.69 34.93
C LYS A 46 32.55 -33.54 35.23
N GLY A 47 31.37 -32.91 35.15
CA GLY A 47 30.08 -33.59 35.31
C GLY A 47 29.60 -33.94 36.72
N ARG A 48 30.47 -33.76 37.73
CA ARG A 48 30.17 -34.20 39.10
C ARG A 48 29.73 -33.09 40.09
N ILE A 49 29.75 -31.85 39.64
CA ILE A 49 29.37 -30.70 40.47
C ILE A 49 27.92 -30.82 40.95
N PRO A 50 27.71 -30.78 42.29
CA PRO A 50 26.39 -30.78 42.91
C PRO A 50 25.72 -29.39 42.92
N LYS A 51 24.94 -29.13 44.00
CA LYS A 51 24.15 -27.90 44.10
C LYS A 51 24.99 -26.78 44.72
N ASN A 52 25.57 -27.07 45.87
CA ASN A 52 26.38 -26.11 46.62
C ASN A 52 27.22 -25.25 45.69
N VAL A 53 28.28 -25.87 45.20
CA VAL A 53 29.25 -25.26 44.28
C VAL A 53 28.71 -24.01 43.60
N LEU A 54 27.67 -24.21 42.80
CA LEU A 54 27.20 -23.19 41.88
C LEU A 54 26.91 -21.84 42.53
N LYS A 55 25.90 -21.79 43.40
CA LYS A 55 25.43 -20.51 43.95
C LYS A 55 26.48 -19.77 44.78
N MET A 56 27.37 -20.53 45.39
CA MET A 56 28.47 -19.94 46.15
C MET A 56 29.56 -19.48 45.18
N LYS A 57 29.24 -19.42 43.88
CA LYS A 57 30.19 -18.98 42.86
C LYS A 57 29.59 -18.10 41.74
N LEU A 58 28.85 -18.68 40.80
CA LEU A 58 28.10 -17.88 39.83
C LEU A 58 26.91 -17.26 40.53
N GLY A 59 27.22 -16.37 41.48
CA GLY A 59 26.24 -15.81 42.41
C GLY A 59 25.04 -15.26 41.69
N GLU A 60 23.86 -15.65 42.17
CA GLU A 60 22.58 -15.17 41.66
C GLU A 60 22.13 -15.91 40.40
N GLU A 61 22.88 -15.75 39.30
CA GLU A 61 22.53 -16.35 38.01
C GLU A 61 21.75 -17.64 38.16
N PHE A 62 22.25 -18.53 39.03
CA PHE A 62 21.60 -19.81 39.24
C PHE A 62 20.11 -19.61 39.34
N GLN A 63 19.70 -18.84 40.34
CA GLN A 63 18.30 -18.47 40.56
C GLN A 63 17.58 -18.16 39.25
N GLU A 64 18.10 -17.19 38.50
CA GLU A 64 17.50 -16.86 37.23
C GLU A 64 17.27 -18.16 36.48
N TYR A 65 18.36 -18.85 36.15
CA TYR A 65 18.27 -20.03 35.31
C TYR A 65 17.31 -21.09 35.86
N THR A 66 17.04 -21.06 37.16
CA THR A 66 16.15 -22.06 37.73
C THR A 66 14.75 -21.76 37.29
N LEU A 67 14.27 -20.58 37.67
CA LEU A 67 12.93 -20.14 37.34
C LEU A 67 12.65 -20.42 35.88
N ASP A 68 13.64 -20.14 35.03
CA ASP A 68 13.49 -20.36 33.60
C ASP A 68 12.99 -21.77 33.26
N PHE A 69 13.30 -22.76 34.13
CA PHE A 69 12.76 -24.11 33.97
C PHE A 69 11.43 -24.32 34.68
N LEU A 70 11.22 -23.58 35.76
CA LEU A 70 9.95 -23.56 36.45
C LEU A 70 8.86 -23.08 35.50
N MET A 71 9.15 -21.99 34.79
CA MET A 71 8.19 -21.34 33.94
C MET A 71 7.81 -22.23 32.78
N ASP A 72 8.76 -23.02 32.31
CA ASP A 72 8.47 -23.97 31.23
C ASP A 72 7.14 -24.67 31.43
N LEU A 73 6.79 -24.86 32.69
CA LEU A 73 5.58 -25.57 33.08
C LEU A 73 4.33 -24.70 32.95
N ILE A 74 4.44 -23.58 32.24
CA ILE A 74 3.29 -22.68 32.07
C ILE A 74 2.68 -22.78 30.68
N PRO A 75 3.51 -22.68 29.61
CA PRO A 75 3.00 -22.57 28.25
C PRO A 75 1.96 -23.61 27.94
N ASP A 76 2.03 -24.76 28.59
CA ASP A 76 1.07 -25.82 28.32
C ASP A 76 -0.27 -25.65 29.05
N THR A 77 -0.36 -24.64 29.91
CA THR A 77 -1.65 -24.21 30.45
C THR A 77 -2.31 -23.24 29.49
N LEU A 78 -1.48 -22.59 28.68
CA LEU A 78 -1.94 -21.56 27.76
C LEU A 78 -1.42 -21.83 26.35
N LYS A 79 -2.19 -22.61 25.59
CA LYS A 79 -1.85 -22.97 24.21
C LYS A 79 -3.15 -23.20 23.47
N ASP A 80 -4.17 -23.58 24.23
CA ASP A 80 -5.53 -23.75 23.72
C ASP A 80 -6.38 -22.47 23.89
N ARG A 81 -5.68 -21.36 24.21
CA ARG A 81 -6.29 -20.03 24.27
C ARG A 81 -5.65 -19.14 23.18
N LYS A 82 -6.45 -18.38 22.44
CA LYS A 82 -5.92 -17.46 21.43
C LYS A 82 -5.66 -16.08 22.03
N LEU A 83 -4.44 -15.57 21.84
CA LEU A 83 -4.05 -14.32 22.49
C LEU A 83 -3.75 -13.21 21.51
N ILE A 84 -4.29 -12.02 21.79
CA ILE A 84 -4.04 -10.88 20.93
C ILE A 84 -2.73 -10.23 21.36
N LEU A 85 -1.99 -10.86 22.25
CA LEU A 85 -0.77 -10.26 22.74
C LEU A 85 0.03 -11.23 23.60
N SER A 86 1.23 -11.57 23.15
CA SER A 86 1.96 -12.64 23.84
C SER A 86 2.03 -12.41 25.34
N PRO A 87 1.86 -13.48 26.12
CA PRO A 87 1.77 -13.41 27.57
C PRO A 87 2.93 -12.65 28.13
N ILE A 88 2.67 -11.73 29.04
CA ILE A 88 3.73 -10.96 29.64
C ILE A 88 3.86 -11.24 31.13
N VAL A 89 5.09 -11.55 31.53
CA VAL A 89 5.35 -11.98 32.90
C VAL A 89 5.57 -10.77 33.79
N THR A 90 4.54 -10.43 34.58
CA THR A 90 4.56 -9.27 35.46
C THR A 90 5.64 -9.43 36.49
N GLU A 91 5.39 -10.23 37.51
CA GLU A 91 6.37 -10.41 38.58
C GLU A 91 6.81 -11.88 38.74
N ARG A 92 8.09 -12.07 39.05
CA ARG A 92 8.66 -13.41 39.24
C ARG A 92 9.55 -13.47 40.48
N GLU A 93 9.54 -14.59 41.20
CA GLU A 93 10.33 -14.72 42.46
C GLU A 93 10.43 -16.13 43.02
N LEU A 94 11.59 -16.42 43.60
CA LEU A 94 11.95 -17.76 43.98
C LEU A 94 12.46 -17.78 45.39
N LYS A 95 11.74 -18.47 46.27
CA LYS A 95 12.20 -18.66 47.63
C LYS A 95 12.67 -20.09 47.78
N ASP A 96 13.38 -20.37 48.88
CA ASP A 96 13.98 -21.69 49.08
C ASP A 96 12.97 -22.83 49.04
N VAL A 97 11.77 -22.57 49.54
CA VAL A 97 10.77 -23.60 49.62
C VAL A 97 9.71 -23.50 48.56
N THR A 98 9.20 -22.29 48.33
CA THR A 98 8.14 -22.10 47.34
C THR A 98 8.53 -21.08 46.27
N ALA A 99 7.77 -20.99 45.19
CA ALA A 99 8.09 -20.05 44.13
C ALA A 99 6.79 -19.47 43.58
N ARG A 100 6.86 -18.27 43.02
CA ARG A 100 5.66 -17.63 42.48
C ARG A 100 5.96 -16.73 41.30
N VAL A 101 5.28 -17.06 40.19
CA VAL A 101 5.32 -16.32 38.92
C VAL A 101 3.92 -15.82 38.55
N VAL A 102 3.86 -14.60 38.00
CA VAL A 102 2.59 -14.02 37.64
C VAL A 102 2.63 -13.55 36.19
N VAL A 103 1.77 -14.11 35.33
CA VAL A 103 1.72 -13.67 33.94
C VAL A 103 0.41 -12.99 33.65
N GLU A 104 0.43 -12.09 32.68
CA GLU A 104 -0.77 -11.35 32.31
C GLU A 104 -1.23 -11.83 30.96
N VAL A 105 -2.46 -12.28 30.86
CA VAL A 105 -2.88 -12.87 29.62
C VAL A 105 -3.91 -11.99 28.95
N HIS A 106 -3.71 -11.70 27.67
CA HIS A 106 -4.67 -10.92 26.89
C HIS A 106 -5.45 -11.72 25.83
N GLU A 107 -6.48 -12.45 26.28
CA GLU A 107 -7.33 -13.23 25.36
C GLU A 107 -7.91 -12.30 24.30
N GLU A 108 -8.29 -12.87 23.16
CA GLU A 108 -8.93 -12.11 22.07
C GLU A 108 -10.21 -11.46 22.56
N PRO A 109 -10.39 -10.17 22.25
CA PRO A 109 -11.49 -9.40 22.82
C PRO A 109 -12.86 -9.82 22.29
N GLU A 110 -13.87 -9.71 23.15
CA GLU A 110 -15.17 -10.21 22.80
C GLU A 110 -15.82 -9.27 21.80
N VAL A 111 -16.28 -9.81 20.66
CA VAL A 111 -17.02 -9.01 19.66
C VAL A 111 -18.51 -8.97 19.86
N ARG A 112 -19.13 -7.89 19.38
CA ARG A 112 -20.59 -7.81 19.20
C ARG A 112 -20.83 -7.11 17.88
N ILE A 113 -21.28 -7.85 16.87
CA ILE A 113 -21.62 -7.27 15.54
C ILE A 113 -22.90 -6.37 15.60
N GLY A 114 -23.66 -6.26 14.52
CA GLY A 114 -24.88 -5.51 14.62
C GLY A 114 -25.55 -5.24 13.30
N ASP A 115 -25.95 -6.30 12.60
CA ASP A 115 -26.81 -6.15 11.43
C ASP A 115 -26.06 -5.54 10.27
N ILE A 116 -25.49 -6.41 9.47
CA ILE A 116 -24.60 -6.06 8.37
C ILE A 116 -25.37 -5.18 7.38
N SER A 117 -26.69 -5.28 7.43
CA SER A 117 -27.56 -4.57 6.49
C SER A 117 -27.65 -3.07 6.77
N LYS A 118 -26.90 -2.60 7.78
CA LYS A 118 -27.10 -1.23 8.23
C LYS A 118 -26.21 -0.28 7.49
N ILE A 119 -25.03 -0.75 7.12
CA ILE A 119 -24.06 0.11 6.45
C ILE A 119 -24.22 0.09 4.93
N GLU A 120 -23.98 1.22 4.29
CA GLU A 120 -24.17 1.24 2.86
C GLU A 120 -22.89 1.43 2.08
N VAL A 121 -22.74 0.70 0.98
CA VAL A 121 -21.64 0.93 0.07
C VAL A 121 -22.17 1.44 -1.26
N GLU A 122 -21.27 2.13 -1.98
CA GLU A 122 -21.60 2.86 -3.21
C GLU A 122 -21.11 2.10 -4.40
N LYS A 123 -21.95 2.08 -5.43
CA LYS A 123 -21.61 1.40 -6.65
C LYS A 123 -22.00 2.33 -7.79
N VAL A 124 -21.19 2.38 -8.85
CA VAL A 124 -21.54 3.28 -9.94
C VAL A 124 -22.31 2.51 -10.98
N ASP A 125 -23.41 3.09 -11.45
CA ASP A 125 -24.31 2.40 -12.33
C ASP A 125 -23.55 1.68 -13.44
N GLU A 126 -23.52 0.36 -13.38
CA GLU A 126 -22.82 -0.44 -14.37
C GLU A 126 -23.22 -0.09 -15.80
N GLU A 127 -24.44 -0.43 -16.21
CA GLU A 127 -24.79 -0.20 -17.62
C GLU A 127 -24.52 1.22 -18.07
N LYS A 128 -24.76 2.15 -17.16
CA LYS A 128 -24.62 3.57 -17.44
C LYS A 128 -23.18 4.06 -17.36
N VAL A 129 -22.24 3.19 -16.99
CA VAL A 129 -20.86 3.59 -16.92
C VAL A 129 -20.14 2.90 -18.02
N LEU A 130 -20.74 1.86 -18.56
CA LEU A 130 -20.13 1.19 -19.67
C LEU A 130 -20.39 1.97 -20.96
N GLU A 131 -21.64 2.37 -21.17
CA GLU A 131 -21.93 3.28 -22.26
C GLU A 131 -20.90 4.41 -22.22
N LYS A 132 -20.77 5.08 -21.07
CA LYS A 132 -19.75 6.12 -20.95
C LYS A 132 -18.40 5.63 -21.44
N TYR A 133 -18.05 4.39 -21.08
CA TYR A 133 -16.75 3.82 -21.42
C TYR A 133 -16.61 3.68 -22.93
N VAL A 134 -17.41 2.82 -23.54
CA VAL A 134 -17.41 2.65 -25.00
C VAL A 134 -17.42 3.98 -25.77
N GLU A 135 -18.43 4.81 -25.49
CA GLU A 135 -18.57 6.11 -26.11
C GLU A 135 -17.22 6.78 -26.20
N ARG A 136 -16.46 6.77 -25.09
CA ARG A 136 -15.14 7.38 -25.00
C ARG A 136 -14.05 6.51 -25.60
N ARG A 137 -14.27 5.20 -25.63
CA ARG A 137 -13.28 4.29 -26.17
C ARG A 137 -13.19 4.37 -27.68
N ILE A 138 -14.35 4.27 -28.33
CA ILE A 138 -14.50 4.48 -29.75
C ILE A 138 -13.82 5.78 -30.10
N GLU A 139 -14.26 6.85 -29.43
CA GLU A 139 -13.71 8.16 -29.62
C GLU A 139 -12.20 8.19 -29.57
N ASP A 140 -11.60 7.36 -28.74
CA ASP A 140 -10.14 7.29 -28.67
C ASP A 140 -9.58 6.42 -29.80
N LEU A 141 -10.42 5.50 -30.26
CA LEU A 141 -10.10 4.62 -31.35
C LEU A 141 -10.10 5.40 -32.70
N ARG A 142 -11.02 6.38 -32.83
CA ARG A 142 -11.12 7.25 -34.02
C ARG A 142 -9.81 7.98 -34.12
N GLU A 143 -9.53 8.77 -33.10
CA GLU A 143 -8.32 9.57 -33.04
C GLU A 143 -7.07 8.81 -33.51
N SER A 144 -6.93 7.54 -33.12
CA SER A 144 -5.80 6.72 -33.54
C SER A 144 -5.88 6.43 -35.04
N HIS A 145 -7.09 6.19 -35.53
CA HIS A 145 -7.28 5.96 -36.95
C HIS A 145 -7.60 7.24 -37.71
N ALA A 146 -6.96 8.33 -37.26
CA ALA A 146 -7.05 9.63 -37.89
C ALA A 146 -6.86 9.49 -39.39
N LEU A 147 -7.80 10.05 -40.14
CA LEU A 147 -7.69 10.12 -41.59
C LEU A 147 -7.01 11.43 -42.03
N LEU A 148 -5.83 11.31 -42.63
CA LEU A 148 -5.08 12.52 -43.00
C LEU A 148 -4.60 12.61 -44.44
N GLU A 149 -4.43 13.85 -44.89
CA GLU A 149 -4.01 14.15 -46.27
C GLU A 149 -3.09 15.36 -46.21
N PRO A 150 -2.03 15.39 -47.08
CA PRO A 150 -1.06 16.48 -47.05
C PRO A 150 -1.69 17.80 -47.38
N LYS A 151 -1.19 18.85 -46.74
CA LYS A 151 -1.77 20.18 -46.80
C LYS A 151 -0.65 21.16 -47.14
N GLU A 152 -1.01 22.25 -47.81
CA GLU A 152 -0.01 23.23 -48.21
C GLU A 152 -0.15 24.51 -47.44
N GLY A 153 -1.06 24.52 -46.47
CA GLY A 153 -1.36 25.73 -45.70
C GLY A 153 -0.37 25.97 -44.57
N PRO A 154 -0.60 27.02 -43.77
CA PRO A 154 0.16 27.15 -42.55
C PRO A 154 -0.36 26.12 -41.59
N ALA A 155 0.42 25.85 -40.58
CA ALA A 155 0.10 24.82 -39.62
C ALA A 155 -0.84 25.31 -38.51
N GLU A 156 -2.04 25.71 -38.91
CA GLU A 156 -3.11 26.07 -37.96
C GLU A 156 -3.43 24.86 -37.07
N ALA A 157 -4.15 25.12 -35.97
CA ALA A 157 -4.39 24.08 -34.96
C ALA A 157 -5.29 22.96 -35.48
N GLY A 158 -4.90 21.72 -35.22
CA GLY A 158 -5.71 20.59 -35.62
C GLY A 158 -5.12 19.86 -36.79
N ASP A 159 -4.13 20.45 -37.43
CA ASP A 159 -3.39 19.72 -38.46
C ASP A 159 -2.46 18.73 -37.74
N LEU A 160 -1.70 17.95 -38.51
CA LEU A 160 -0.66 17.15 -37.95
C LEU A 160 0.64 17.52 -38.62
N VAL A 161 1.58 18.16 -37.91
CA VAL A 161 2.89 18.42 -38.54
C VAL A 161 3.94 17.43 -38.15
N ARG A 162 4.80 17.09 -39.08
CA ARG A 162 5.80 16.08 -38.81
C ARG A 162 7.13 16.74 -38.96
N VAL A 163 7.91 16.82 -37.89
CA VAL A 163 9.23 17.50 -38.01
C VAL A 163 10.38 16.53 -37.88
N ASN A 164 11.60 16.97 -38.13
CA ASN A 164 12.75 16.10 -37.93
C ASN A 164 13.72 16.88 -37.13
N MET A 165 13.94 16.44 -35.91
CA MET A 165 14.65 17.27 -35.01
C MET A 165 16.06 16.80 -34.93
N GLU A 166 16.99 17.71 -35.15
CA GLU A 166 18.39 17.40 -35.05
C GLU A 166 18.97 18.25 -33.95
N VAL A 167 19.87 17.65 -33.14
CA VAL A 167 20.47 18.35 -32.02
C VAL A 167 21.96 18.42 -32.18
N TYR A 168 22.47 19.63 -32.25
CA TYR A 168 23.87 19.83 -32.48
C TYR A 168 24.59 20.15 -31.19
N ASN A 169 25.85 19.73 -31.16
CA ASN A 169 26.78 19.96 -30.08
C ASN A 169 27.18 21.42 -30.01
N GLU A 170 27.88 21.79 -28.96
CA GLU A 170 28.17 23.20 -28.73
C GLU A 170 29.03 23.85 -29.81
N GLU A 171 29.35 23.10 -30.86
CA GLU A 171 30.18 23.59 -31.96
C GLU A 171 29.99 22.79 -33.24
N GLY A 172 28.88 22.06 -33.34
CA GLY A 172 28.53 21.47 -34.62
C GLY A 172 28.26 19.98 -34.62
N LYS A 173 29.10 19.20 -33.93
CA LYS A 173 28.93 17.75 -33.86
C LYS A 173 27.45 17.37 -33.66
N LYS A 174 26.76 17.00 -34.72
CA LYS A 174 25.38 16.54 -34.64
C LYS A 174 25.34 15.27 -33.80
N LEU A 175 24.50 15.28 -32.76
CA LEU A 175 24.42 14.16 -31.82
C LEU A 175 23.22 13.25 -32.02
N THR A 176 22.03 13.80 -32.26
CA THR A 176 20.88 12.94 -32.48
C THR A 176 19.99 13.46 -33.60
N SER A 177 19.17 12.57 -34.17
CA SER A 177 18.20 12.90 -35.22
C SER A 177 16.97 11.99 -35.05
N ARG A 178 15.79 12.55 -34.85
CA ARG A 178 14.57 11.74 -34.69
C ARG A 178 13.36 12.50 -35.21
N GLU A 179 12.60 11.92 -36.14
CA GLU A 179 11.39 12.59 -36.65
C GLU A 179 10.23 12.50 -35.66
N TYR A 180 9.85 13.61 -35.02
CA TYR A 180 8.64 13.59 -34.24
C TYR A 180 7.45 14.08 -35.04
N GLU A 181 6.24 13.80 -34.57
CA GLU A 181 5.03 14.37 -35.16
C GLU A 181 3.97 14.68 -34.13
N TYR A 182 3.25 15.77 -34.37
CA TYR A 182 2.33 16.33 -33.41
C TYR A 182 1.01 16.64 -34.05
N VAL A 183 -0.03 16.66 -33.23
CA VAL A 183 -1.33 17.19 -33.64
C VAL A 183 -1.50 18.54 -32.95
N ILE A 184 -1.66 19.60 -33.72
CA ILE A 184 -1.66 20.91 -33.07
C ILE A 184 -2.88 21.09 -32.18
N SER A 185 -2.63 21.19 -30.88
CA SER A 185 -3.70 21.34 -29.89
C SER A 185 -4.19 22.79 -29.78
N GLU A 186 -5.50 22.98 -30.01
CA GLU A 186 -6.13 24.31 -30.06
C GLU A 186 -5.45 25.32 -29.13
N ASP A 187 -4.58 26.13 -29.74
CA ASP A 187 -3.76 27.11 -29.01
C ASP A 187 -2.99 26.41 -27.89
N GLU A 188 -1.77 25.96 -28.19
CA GLU A 188 -1.03 25.26 -27.16
C GLU A 188 0.37 25.76 -26.89
N ASP A 189 0.74 25.66 -25.62
CA ASP A 189 2.04 26.06 -25.10
C ASP A 189 2.85 24.81 -24.81
N ARG A 190 2.82 23.84 -25.72
CA ARG A 190 3.61 22.63 -25.57
C ARG A 190 5.04 22.91 -26.09
N PRO A 191 6.08 22.22 -25.54
CA PRO A 191 7.46 22.43 -26.02
C PRO A 191 7.69 22.14 -27.52
N PHE A 192 8.30 23.09 -28.22
CA PHE A 192 8.59 22.92 -29.65
C PHE A 192 7.38 23.17 -30.51
N VAL A 193 6.30 22.47 -30.21
CA VAL A 193 5.09 22.53 -31.02
C VAL A 193 4.51 23.93 -31.13
N LYS A 194 4.54 24.69 -30.04
CA LYS A 194 4.01 26.04 -30.10
C LYS A 194 4.71 26.84 -31.20
N ASP A 195 5.96 26.47 -31.48
CA ASP A 195 6.75 27.13 -32.51
C ASP A 195 6.40 26.61 -33.89
N LEU A 196 6.11 25.32 -33.99
CA LEU A 196 5.62 24.76 -35.25
C LEU A 196 4.24 25.27 -35.64
N VAL A 197 3.60 26.05 -34.76
CA VAL A 197 2.27 26.57 -35.07
C VAL A 197 2.41 27.63 -36.13
N GLY A 198 1.49 27.61 -37.09
CA GLY A 198 1.48 28.56 -38.19
C GLY A 198 2.62 28.38 -39.17
N LYS A 199 3.37 27.27 -39.05
CA LYS A 199 4.49 27.02 -39.96
C LYS A 199 4.09 26.15 -41.14
N LYS A 200 4.72 26.38 -42.28
CA LYS A 200 4.45 25.66 -43.51
C LYS A 200 5.63 24.71 -43.80
N LYS A 201 5.45 23.75 -44.72
CA LYS A 201 6.49 22.75 -45.00
C LYS A 201 7.86 23.29 -45.41
N GLY A 202 8.91 22.72 -44.84
CA GLY A 202 10.28 23.07 -45.22
C GLY A 202 10.87 24.16 -44.35
N ASP A 203 10.05 24.74 -43.48
CA ASP A 203 10.46 25.74 -42.50
C ASP A 203 11.34 25.13 -41.43
N VAL A 204 12.22 25.92 -40.86
CA VAL A 204 13.07 25.44 -39.78
C VAL A 204 12.94 26.37 -38.55
N VAL A 205 13.11 25.80 -37.36
CA VAL A 205 12.98 26.54 -36.12
C VAL A 205 14.10 26.14 -35.23
N GLU A 206 15.09 26.99 -35.06
CA GLU A 206 16.25 26.64 -34.26
C GLU A 206 15.97 27.06 -32.83
N ILE A 207 16.39 26.25 -31.86
CA ILE A 207 16.36 26.65 -30.46
C ILE A 207 17.59 26.22 -29.75
N GLU A 208 18.25 27.18 -29.12
CA GLU A 208 19.52 27.01 -28.48
C GLU A 208 19.19 26.91 -27.03
N ARG A 209 20.11 26.30 -26.29
CA ARG A 209 19.89 25.85 -24.93
C ARG A 209 21.22 25.57 -24.24
N GLU A 210 21.29 25.79 -22.93
CA GLU A 210 22.54 25.58 -22.23
C GLU A 210 22.32 24.69 -21.05
N TYR A 211 23.15 23.65 -20.96
CA TYR A 211 23.09 22.67 -19.87
C TYR A 211 24.47 22.48 -19.23
N GLU A 212 24.57 22.87 -17.95
CA GLU A 212 25.82 22.90 -17.15
C GLU A 212 27.00 23.37 -17.97
N GLY A 213 26.87 24.55 -18.56
CA GLY A 213 27.97 25.21 -19.21
C GLY A 213 28.01 25.04 -20.71
N LYS A 214 27.59 23.86 -21.18
CA LYS A 214 27.66 23.55 -22.60
C LYS A 214 26.37 23.94 -23.33
N LYS A 215 26.51 24.59 -24.49
CA LYS A 215 25.35 24.95 -25.30
C LYS A 215 24.96 23.86 -26.29
N TYR A 216 23.67 23.70 -26.51
CA TYR A 216 23.19 22.65 -27.38
C TYR A 216 22.15 23.19 -28.33
N THR A 217 22.32 22.95 -29.61
CA THR A 217 21.36 23.50 -30.55
C THR A 217 20.41 22.46 -31.06
N TYR A 218 19.20 22.92 -31.35
CA TYR A 218 18.11 22.06 -31.74
C TYR A 218 17.53 22.65 -33.03
N LYS A 219 17.73 21.96 -34.14
CA LYS A 219 17.23 22.48 -35.40
C LYS A 219 15.97 21.71 -35.70
N LEU A 220 14.83 22.35 -35.71
CA LEU A 220 13.63 21.59 -36.00
C LEU A 220 13.16 21.94 -37.37
N GLU A 221 13.10 20.94 -38.25
CA GLU A 221 12.66 21.15 -39.63
C GLU A 221 11.32 20.53 -39.88
N VAL A 222 10.38 21.34 -40.36
CA VAL A 222 9.07 20.86 -40.72
C VAL A 222 9.15 20.05 -42.01
N GLU A 223 8.76 18.80 -41.90
CA GLU A 223 8.87 17.84 -42.97
C GLU A 223 7.58 17.78 -43.74
N GLU A 224 6.45 17.80 -43.03
CA GLU A 224 5.15 17.72 -43.70
C GLU A 224 4.00 18.12 -42.80
N VAL A 225 2.93 18.61 -43.41
CA VAL A 225 1.80 19.03 -42.62
C VAL A 225 0.60 18.39 -43.20
N TYR A 226 0.00 17.49 -42.48
CA TYR A 226 -1.18 16.89 -43.01
C TYR A 226 -2.46 17.55 -42.50
N LYS A 227 -3.60 17.20 -43.12
CA LYS A 227 -4.91 17.63 -42.62
C LYS A 227 -5.62 16.47 -41.91
N ARG A 228 -5.93 16.66 -40.64
CA ARG A 228 -6.62 15.64 -39.87
C ARG A 228 -8.11 15.81 -40.02
N THR A 229 -8.80 14.72 -40.38
CA THR A 229 -10.25 14.68 -40.19
C THR A 229 -10.69 13.28 -39.77
N LEU A 230 -11.04 13.14 -38.49
CA LEU A 230 -11.36 11.85 -37.86
C LEU A 230 -12.52 11.15 -38.55
N PRO A 231 -12.39 9.84 -38.80
CA PRO A 231 -13.33 9.13 -39.67
C PRO A 231 -14.63 8.94 -38.94
N GLU A 232 -15.74 8.93 -39.67
CA GLU A 232 -17.02 8.88 -38.99
C GLU A 232 -17.29 7.49 -38.33
N ILE A 233 -18.09 7.49 -37.25
CA ILE A 233 -18.42 6.28 -36.52
C ILE A 233 -19.34 5.41 -37.36
N GLY A 234 -18.76 4.54 -38.18
CA GLY A 234 -19.55 3.62 -39.00
C GLY A 234 -19.02 2.20 -38.88
N ASP A 235 -19.59 1.30 -39.69
CA ASP A 235 -19.13 -0.10 -39.72
C ASP A 235 -17.71 -0.19 -40.28
N GLU A 236 -17.29 0.89 -40.93
CA GLU A 236 -15.95 0.99 -41.51
C GLU A 236 -14.92 1.18 -40.40
N LEU A 237 -15.35 1.75 -39.30
CA LEU A 237 -14.44 1.97 -38.21
C LEU A 237 -14.04 0.64 -37.61
N ALA A 238 -14.94 -0.32 -37.68
CA ALA A 238 -14.69 -1.67 -37.17
C ALA A 238 -13.60 -2.35 -37.98
N LYS A 239 -13.83 -2.41 -39.29
CA LYS A 239 -12.85 -2.91 -40.24
C LYS A 239 -11.48 -2.33 -39.89
N SER A 240 -11.45 -1.00 -39.70
CA SER A 240 -10.22 -0.27 -39.39
C SER A 240 -9.44 -0.85 -38.21
N VAL A 241 -10.10 -1.61 -37.35
CA VAL A 241 -9.40 -2.28 -36.25
C VAL A 241 -9.47 -3.80 -36.38
N ASN A 242 -9.00 -4.28 -37.53
CA ASN A 242 -8.82 -5.72 -37.81
C ASN A 242 -10.06 -6.56 -38.12
N ASN A 243 -9.78 -7.85 -38.34
CA ASN A 243 -10.77 -8.89 -38.60
C ASN A 243 -11.74 -9.07 -37.42
N GLU A 244 -12.52 -10.16 -37.49
CA GLU A 244 -13.50 -10.57 -36.46
C GLU A 244 -14.77 -9.73 -36.48
N PHE A 245 -14.65 -8.44 -36.21
CA PHE A 245 -15.83 -7.58 -36.20
C PHE A 245 -16.06 -7.17 -37.63
N GLU A 246 -17.33 -7.21 -38.04
CA GLU A 246 -17.71 -6.81 -39.38
C GLU A 246 -18.66 -5.64 -39.31
N THR A 247 -19.38 -5.57 -38.18
CA THR A 247 -20.32 -4.49 -37.90
C THR A 247 -19.87 -3.63 -36.71
N LEU A 248 -20.35 -2.38 -36.64
CA LEU A 248 -20.00 -1.46 -35.56
C LEU A 248 -20.56 -2.00 -34.26
N GLU A 249 -21.83 -2.38 -34.31
CA GLU A 249 -22.52 -2.99 -33.21
C GLU A 249 -21.68 -4.13 -32.65
N GLN A 250 -20.88 -4.74 -33.50
CA GLN A 250 -19.99 -5.81 -33.09
C GLN A 250 -18.74 -5.28 -32.36
N LEU A 251 -18.12 -4.23 -32.89
CA LEU A 251 -16.97 -3.63 -32.22
C LEU A 251 -17.36 -3.18 -30.82
N LYS A 252 -18.47 -2.45 -30.74
CA LYS A 252 -19.04 -1.98 -29.49
C LYS A 252 -19.26 -3.14 -28.53
N GLU A 253 -19.85 -4.22 -29.01
CA GLU A 253 -20.01 -5.39 -28.18
C GLU A 253 -18.69 -5.71 -27.54
N SER A 254 -17.69 -6.00 -28.36
CA SER A 254 -16.37 -6.32 -27.85
C SER A 254 -15.92 -5.35 -26.76
N LEU A 255 -16.07 -4.06 -27.01
CA LEU A 255 -15.54 -3.05 -26.09
C LEU A 255 -16.31 -2.99 -24.77
N LYS A 256 -17.61 -3.27 -24.84
CA LYS A 256 -18.44 -3.43 -23.66
C LYS A 256 -17.89 -4.59 -22.86
N LYS A 257 -17.77 -5.75 -23.49
CA LYS A 257 -17.23 -6.93 -22.80
C LYS A 257 -15.90 -6.63 -22.12
N GLU A 258 -15.12 -5.77 -22.77
CA GLU A 258 -13.80 -5.42 -22.29
C GLU A 258 -13.88 -4.53 -21.09
N GLY A 259 -14.97 -3.77 -20.99
CA GLY A 259 -15.17 -2.85 -19.89
C GLY A 259 -15.84 -3.46 -18.68
N LYS A 260 -16.87 -4.25 -18.91
CA LYS A 260 -17.49 -5.02 -17.83
C LYS A 260 -16.39 -5.82 -17.13
N GLU A 261 -15.40 -6.27 -17.90
CA GLU A 261 -14.29 -6.98 -17.32
C GLU A 261 -13.60 -6.07 -16.33
N ILE A 262 -13.12 -4.94 -16.80
CA ILE A 262 -12.37 -4.03 -15.94
C ILE A 262 -13.22 -3.47 -14.82
N TYR A 263 -14.52 -3.40 -15.01
CA TYR A 263 -15.38 -2.87 -13.99
C TYR A 263 -15.52 -3.87 -12.87
N ASP A 264 -15.99 -5.06 -13.25
CA ASP A 264 -16.26 -6.12 -12.30
C ASP A 264 -15.08 -6.33 -11.39
N VAL A 265 -13.88 -6.02 -11.87
CA VAL A 265 -12.72 -6.17 -11.04
C VAL A 265 -12.50 -4.96 -10.15
N GLU A 266 -12.62 -3.78 -10.74
CA GLU A 266 -12.25 -2.56 -10.01
C GLU A 266 -13.31 -2.13 -9.03
N MET A 267 -14.57 -2.43 -9.34
CA MET A 267 -15.67 -1.90 -8.58
C MET A 267 -15.87 -2.85 -7.44
N LYS A 268 -15.87 -4.15 -7.73
CA LYS A 268 -15.93 -5.20 -6.70
C LYS A 268 -14.96 -4.88 -5.60
N GLU A 269 -13.70 -4.67 -5.98
CA GLU A 269 -12.65 -4.22 -5.08
C GLU A 269 -12.97 -2.96 -4.28
N SER A 270 -13.61 -1.98 -4.92
CA SER A 270 -14.02 -0.76 -4.22
C SER A 270 -15.01 -1.08 -3.09
N MET A 271 -16.05 -1.86 -3.41
CA MET A 271 -17.09 -2.12 -2.44
C MET A 271 -16.46 -2.77 -1.23
N ARG A 272 -15.71 -3.84 -1.47
CA ARG A 272 -14.89 -4.47 -0.44
C ARG A 272 -14.21 -3.42 0.36
N GLU A 273 -13.43 -2.59 -0.30
CA GLU A 273 -12.70 -1.62 0.44
C GLU A 273 -13.52 -0.85 1.44
N GLN A 274 -14.65 -0.32 0.99
CA GLN A 274 -15.43 0.58 1.83
C GLN A 274 -16.27 -0.14 2.87
N LEU A 275 -16.67 -1.39 2.62
CA LEU A 275 -17.30 -2.22 3.67
C LEU A 275 -16.34 -2.37 4.86
N LEU A 276 -15.06 -2.49 4.55
CA LEU A 276 -14.04 -2.64 5.54
C LEU A 276 -13.86 -1.34 6.27
N GLU A 277 -13.85 -0.25 5.51
CA GLU A 277 -13.69 1.08 6.10
C GLU A 277 -14.68 1.27 7.20
N LYS A 278 -15.79 0.54 7.12
CA LYS A 278 -16.97 0.86 7.91
C LYS A 278 -17.44 -0.20 8.89
N LEU A 279 -16.75 -1.33 9.00
CA LEU A 279 -17.16 -2.29 10.02
C LEU A 279 -17.32 -1.66 11.42
N PRO A 280 -16.31 -0.91 11.88
CA PRO A 280 -16.33 -0.36 13.25
C PRO A 280 -17.60 0.33 13.67
N GLU A 281 -18.32 0.92 12.73
CA GLU A 281 -19.63 1.47 13.06
C GLU A 281 -20.58 0.48 13.70
N ILE A 282 -20.72 -0.69 13.07
CA ILE A 282 -21.55 -1.77 13.58
C ILE A 282 -20.84 -2.73 14.56
N VAL A 283 -19.58 -2.43 14.87
CA VAL A 283 -18.88 -3.28 15.80
C VAL A 283 -18.64 -2.59 17.13
N GLU A 284 -18.58 -3.44 18.17
CA GLU A 284 -18.44 -3.07 19.56
C GLU A 284 -17.79 -4.25 20.27
N ILE A 285 -16.67 -3.99 20.93
CA ILE A 285 -15.96 -5.09 21.58
C ILE A 285 -15.62 -4.77 23.04
N GLU A 286 -15.44 -5.84 23.83
CA GLU A 286 -14.92 -5.70 25.17
C GLU A 286 -13.42 -5.90 25.12
N ILE A 287 -12.72 -4.82 25.42
CA ILE A 287 -11.27 -4.82 25.35
C ILE A 287 -10.72 -4.02 26.51
N SER A 288 -9.71 -4.57 27.14
CA SER A 288 -9.09 -3.91 28.25
C SER A 288 -8.37 -2.68 27.78
N ASP A 289 -8.65 -1.56 28.43
CA ASP A 289 -7.94 -0.34 28.16
C ASP A 289 -6.46 -0.59 28.03
N ARG A 290 -5.94 -1.42 28.90
CA ARG A 290 -4.52 -1.65 28.92
C ARG A 290 -4.04 -2.40 27.70
N THR A 291 -4.75 -3.46 27.30
CA THR A 291 -4.44 -4.13 26.03
C THR A 291 -4.23 -3.12 24.90
N LEU A 292 -5.18 -2.21 24.74
CA LEU A 292 -5.02 -1.13 23.79
C LEU A 292 -3.77 -0.38 24.15
N GLU A 293 -3.77 0.27 25.30
CA GLU A 293 -2.70 1.19 25.62
C GLU A 293 -1.35 0.53 25.31
N ILE A 294 -1.28 -0.80 25.44
CA ILE A 294 -0.04 -1.52 25.09
C ILE A 294 0.24 -1.47 23.60
N LEU A 295 -0.61 -2.11 22.81
CA LEU A 295 -0.55 -2.02 21.34
C LEU A 295 -0.19 -0.63 20.88
N VAL A 296 -0.58 0.37 21.67
CA VAL A 296 -0.22 1.73 21.37
C VAL A 296 1.29 1.86 21.48
N ASN A 297 1.86 1.49 22.62
CA ASN A 297 3.31 1.50 22.73
C ASN A 297 3.98 0.51 21.79
N GLU A 298 3.38 -0.66 21.65
CA GLU A 298 3.91 -1.66 20.77
C GLU A 298 4.00 -1.10 19.36
N ALA A 299 3.37 0.04 19.14
CA ALA A 299 3.37 0.68 17.83
C ALA A 299 4.22 1.93 17.78
N ILE A 300 3.97 2.86 18.71
CA ILE A 300 4.72 4.10 18.74
C ILE A 300 6.19 3.77 18.69
N ASN A 301 6.66 3.01 19.65
CA ASN A 301 8.05 2.56 19.68
C ASN A 301 8.56 2.08 18.32
N ARG A 302 7.91 1.04 17.81
CA ARG A 302 8.23 0.46 16.51
C ARG A 302 8.19 1.50 15.37
N LEU A 303 7.82 2.75 15.70
CA LEU A 303 7.94 3.86 14.74
C LEU A 303 9.29 4.53 14.83
N LYS A 304 9.70 4.87 16.05
CA LYS A 304 11.07 5.38 16.31
C LYS A 304 12.15 4.46 15.75
N ARG A 305 11.80 3.21 15.44
CA ARG A 305 12.74 2.24 14.85
C ARG A 305 13.04 2.50 13.37
N GLU A 306 12.39 3.49 12.77
CA GLU A 306 12.72 3.90 11.40
C GLU A 306 12.85 5.42 11.30
N GLY A 307 12.99 6.07 12.46
CA GLY A 307 13.02 7.53 12.55
C GLY A 307 11.65 8.19 12.39
N ARG A 308 10.70 7.44 11.82
CA ARG A 308 9.41 7.93 11.37
C ARG A 308 8.67 8.74 12.42
N TYR A 309 8.78 8.31 13.67
CA TYR A 309 8.03 8.92 14.77
C TYR A 309 8.20 10.44 14.83
N GLU A 310 9.43 10.91 14.61
CA GLU A 310 9.79 12.34 14.72
C GLU A 310 8.98 13.25 13.79
N GLN A 311 8.98 12.94 12.50
CA GLN A 311 8.16 13.67 11.54
C GLN A 311 6.70 13.54 11.94
N ILE A 312 6.26 12.28 12.07
CA ILE A 312 4.87 11.95 12.32
C ILE A 312 4.29 12.73 13.50
N VAL A 313 4.97 12.70 14.64
CA VAL A 313 4.53 13.43 15.83
C VAL A 313 4.42 14.94 15.57
N SER A 314 5.36 15.43 14.76
CA SER A 314 5.53 16.86 14.55
C SER A 314 4.62 17.38 13.44
N SER A 315 3.32 17.08 13.56
CA SER A 315 2.28 17.55 12.63
C SER A 315 0.92 17.58 13.34
N TYR A 316 0.91 17.07 14.57
CA TYR A 316 -0.26 17.14 15.45
C TYR A 316 0.01 18.20 16.54
N GLU A 317 -1.05 18.62 17.22
CA GLU A 317 -0.99 19.71 18.22
C GLU A 317 -0.06 19.39 19.38
N SER A 318 -0.20 18.17 19.88
CA SER A 318 0.56 17.64 21.01
C SER A 318 0.71 16.13 20.84
N GLU A 319 1.83 15.59 21.29
CA GLU A 319 2.10 14.14 21.23
C GLU A 319 0.99 13.30 21.87
N GLU A 320 0.34 13.86 22.89
CA GLU A 320 -0.80 13.21 23.56
C GLU A 320 -2.03 13.12 22.65
N LYS A 321 -2.19 14.08 21.74
CA LYS A 321 -3.29 14.03 20.79
C LYS A 321 -3.04 12.97 19.73
N PHE A 322 -1.76 12.76 19.38
CA PHE A 322 -1.37 11.72 18.42
C PHE A 322 -1.66 10.35 18.96
N ARG A 323 -0.95 10.02 20.03
CA ARG A 323 -1.19 8.83 20.81
C ARG A 323 -2.69 8.58 20.89
N GLU A 324 -3.44 9.66 21.13
CA GLU A 324 -4.89 9.62 21.21
C GLU A 324 -5.55 9.25 19.87
N GLU A 325 -5.08 9.85 18.78
CA GLU A 325 -5.58 9.48 17.48
C GLU A 325 -5.14 8.06 17.21
N LEU A 326 -3.86 7.80 17.45
CA LEU A 326 -3.31 6.47 17.24
C LEU A 326 -4.03 5.36 18.01
N LYS A 327 -4.64 5.71 19.15
CA LYS A 327 -5.34 4.73 19.96
C LYS A 327 -6.51 4.19 19.18
N GLU A 328 -7.54 5.01 19.05
CA GLU A 328 -8.78 4.61 18.39
C GLU A 328 -8.51 4.04 17.02
N ARG A 329 -7.50 4.57 16.36
CA ARG A 329 -7.05 4.03 15.09
C ARG A 329 -6.84 2.53 15.15
N ILE A 330 -6.34 2.02 16.28
CA ILE A 330 -6.04 0.60 16.36
C ILE A 330 -7.27 -0.16 16.77
N LEU A 331 -7.96 0.41 17.77
CA LEU A 331 -9.19 -0.17 18.25
C LEU A 331 -10.08 -0.52 17.08
N ASP A 332 -10.18 0.40 16.12
CA ASP A 332 -11.00 0.20 14.94
C ASP A 332 -10.48 -0.95 14.09
N ASP A 333 -9.16 -1.04 13.98
CA ASP A 333 -8.64 -2.06 13.11
C ASP A 333 -8.87 -3.42 13.73
N ILE A 334 -8.57 -3.53 15.01
CA ILE A 334 -8.76 -4.79 15.66
C ILE A 334 -10.23 -5.20 15.57
N LYS A 335 -11.16 -4.27 15.84
CA LYS A 335 -12.56 -4.56 15.58
C LYS A 335 -12.65 -5.30 14.25
N ARG A 336 -12.23 -4.64 13.17
CA ARG A 336 -12.32 -5.19 11.80
C ARG A 336 -11.74 -6.59 11.75
N ASP A 337 -10.42 -6.61 11.83
CA ASP A 337 -9.62 -7.80 11.86
C ASP A 337 -10.36 -8.88 12.64
N ARG A 338 -10.82 -8.48 13.81
CA ARG A 338 -11.51 -9.39 14.67
C ARG A 338 -12.80 -9.86 13.98
N VAL A 339 -13.63 -8.93 13.51
CA VAL A 339 -14.93 -9.28 12.90
C VAL A 339 -14.72 -10.25 11.77
N ILE A 340 -13.62 -10.07 11.06
CA ILE A 340 -13.30 -10.96 9.99
C ILE A 340 -13.04 -12.33 10.53
N GLU A 341 -11.94 -12.46 11.27
CA GLU A 341 -11.57 -13.72 11.88
C GLU A 341 -12.80 -14.50 12.43
N VAL A 342 -13.65 -13.82 13.20
CA VAL A 342 -14.83 -14.47 13.78
C VAL A 342 -15.71 -15.06 12.69
N LEU A 343 -16.40 -14.21 11.94
CA LEU A 343 -17.39 -14.68 10.98
C LEU A 343 -16.83 -15.77 10.08
N ALA A 344 -15.50 -15.84 10.00
CA ALA A 344 -14.81 -16.80 9.15
C ALA A 344 -14.89 -18.20 9.74
N GLN A 345 -14.93 -18.25 11.06
CA GLN A 345 -15.18 -19.50 11.75
C GLN A 345 -16.65 -19.85 11.74
N GLU A 346 -17.52 -18.95 12.20
CA GLU A 346 -18.95 -19.20 12.25
C GLU A 346 -19.49 -19.76 10.94
N LYS A 347 -18.86 -19.38 9.83
CA LYS A 347 -19.30 -19.79 8.49
C LYS A 347 -18.37 -20.82 7.90
N GLY A 348 -17.39 -21.24 8.69
CA GLY A 348 -16.46 -22.29 8.33
C GLY A 348 -15.58 -21.94 7.14
N ILE A 349 -15.39 -20.64 6.93
CA ILE A 349 -14.60 -20.17 5.81
C ILE A 349 -13.13 -20.30 6.11
N SER A 350 -12.41 -20.91 5.18
CA SER A 350 -10.99 -21.16 5.35
C SER A 350 -10.23 -21.22 4.03
N VAL A 351 -8.99 -20.75 4.08
CA VAL A 351 -8.11 -20.78 2.93
C VAL A 351 -7.22 -22.02 2.98
N ASN A 352 -7.50 -22.96 2.08
CA ASN A 352 -6.74 -24.20 2.02
C ASN A 352 -5.43 -24.05 1.27
N ASP A 353 -4.46 -24.89 1.64
CA ASP A 353 -3.17 -25.01 0.99
C ASP A 353 -3.21 -24.79 -0.55
N GLU A 354 -4.05 -25.55 -1.23
CA GLU A 354 -4.18 -25.51 -2.70
C GLU A 354 -4.59 -24.16 -3.24
N GLU A 355 -5.36 -23.41 -2.44
CA GLU A 355 -5.85 -22.10 -2.81
C GLU A 355 -4.86 -21.01 -2.42
N LEU A 356 -4.10 -21.27 -1.34
CA LEU A 356 -3.07 -20.34 -0.87
C LEU A 356 -1.93 -20.23 -1.88
N GLU A 357 -1.82 -21.23 -2.73
CA GLU A 357 -0.87 -21.21 -3.86
C GLU A 357 -1.48 -20.41 -5.01
N LYS A 358 -2.80 -20.52 -5.15
CA LYS A 358 -3.53 -19.91 -6.25
C LYS A 358 -3.36 -18.39 -6.29
N GLU A 359 -3.25 -17.76 -5.12
CA GLU A 359 -3.05 -16.32 -5.04
C GLU A 359 -1.57 -16.00 -5.19
N ALA A 360 -0.73 -16.84 -4.62
CA ALA A 360 0.71 -16.62 -4.66
C ALA A 360 1.20 -16.42 -6.09
N GLU A 361 0.64 -17.19 -7.02
CA GLU A 361 1.04 -17.08 -8.43
C GLU A 361 0.51 -15.81 -9.08
N GLU A 362 -0.48 -15.19 -8.46
CA GLU A 362 -1.03 -13.90 -8.89
C GLU A 362 -0.11 -12.72 -8.56
N LEU A 363 0.78 -12.93 -7.60
CA LEU A 363 1.70 -11.88 -7.17
C LEU A 363 3.12 -12.09 -7.71
N ALA A 364 3.31 -13.19 -8.43
CA ALA A 364 4.57 -13.47 -9.13
C ALA A 364 4.92 -12.47 -10.26
N PRO A 365 3.91 -11.97 -11.02
CA PRO A 365 4.23 -10.96 -12.05
C PRO A 365 4.62 -9.61 -11.46
N PHE A 366 3.83 -9.15 -10.49
CA PHE A 366 4.07 -7.88 -9.82
C PHE A 366 5.41 -7.88 -9.08
N TRP A 367 5.70 -8.95 -8.35
CA TRP A 367 7.00 -9.13 -7.70
C TRP A 367 8.14 -9.20 -8.71
N GLY A 368 7.79 -9.48 -9.97
CA GLY A 368 8.76 -9.62 -11.06
C GLY A 368 9.60 -10.87 -10.95
N ILE A 369 8.99 -11.96 -10.46
CA ILE A 369 9.70 -13.22 -10.27
C ILE A 369 9.03 -14.38 -10.99
N SER A 370 9.76 -15.48 -11.09
CA SER A 370 9.24 -16.72 -11.63
C SER A 370 8.17 -17.27 -10.69
N PRO A 371 6.99 -17.64 -11.24
CA PRO A 371 5.87 -18.13 -10.46
C PRO A 371 6.27 -19.19 -9.44
N ASP A 372 7.29 -19.97 -9.77
CA ASP A 372 7.74 -21.08 -8.95
C ASP A 372 8.56 -20.62 -7.74
N ARG A 373 9.26 -19.50 -7.88
CA ARG A 373 10.05 -18.92 -6.78
C ARG A 373 9.15 -18.44 -5.64
N ALA A 374 7.97 -17.93 -6.01
CA ALA A 374 6.94 -17.59 -5.05
C ALA A 374 6.58 -18.82 -4.23
N LYS A 375 6.16 -19.88 -4.93
CA LYS A 375 5.77 -21.14 -4.32
C LYS A 375 6.92 -21.70 -3.51
N SER A 376 8.15 -21.52 -4.02
CA SER A 376 9.35 -21.83 -3.25
C SER A 376 9.35 -21.09 -1.91
N LEU A 377 9.04 -19.79 -1.97
CA LEU A 377 9.12 -18.91 -0.79
C LEU A 377 7.97 -19.11 0.20
N VAL A 378 6.81 -19.53 -0.31
CA VAL A 378 5.62 -19.73 0.50
C VAL A 378 5.67 -21.02 1.33
N LYS A 379 5.98 -22.14 0.68
CA LYS A 379 6.19 -23.39 1.41
C LYS A 379 7.32 -23.24 2.45
N ALA A 380 8.39 -22.56 2.04
CA ALA A 380 9.61 -22.40 2.84
C ALA A 380 9.46 -21.44 4.01
N ARG A 381 8.91 -20.25 3.75
CA ARG A 381 8.70 -19.28 4.81
C ARG A 381 7.33 -19.53 5.47
N GLN A 382 7.26 -19.25 6.78
CA GLN A 382 5.99 -19.31 7.52
C GLN A 382 5.61 -17.89 8.03
N ASP A 383 6.01 -16.88 7.25
CA ASP A 383 5.81 -15.48 7.63
C ASP A 383 5.11 -14.71 6.51
N LEU A 384 5.55 -14.99 5.28
CA LEU A 384 4.91 -14.46 4.08
C LEU A 384 3.70 -15.35 3.81
N ARG A 385 3.88 -16.63 4.16
CA ARG A 385 2.85 -17.65 4.11
C ARG A 385 1.56 -17.15 4.78
N GLU A 386 1.68 -16.65 6.02
CA GLU A 386 0.53 -16.26 6.85
C GLU A 386 -0.02 -14.86 6.55
N GLU A 387 0.87 -13.95 6.15
CA GLU A 387 0.49 -12.61 5.72
C GLU A 387 -0.35 -12.69 4.45
N LEU A 388 0.09 -13.54 3.54
CA LEU A 388 -0.64 -13.80 2.32
C LEU A 388 -1.92 -14.53 2.63
N ARG A 389 -1.83 -15.52 3.51
CA ARG A 389 -2.95 -16.41 3.82
C ARG A 389 -4.16 -15.64 4.26
N TRP A 390 -4.00 -14.95 5.38
CA TRP A 390 -5.08 -14.22 6.01
C TRP A 390 -5.75 -13.24 5.07
N ALA A 391 -4.94 -12.48 4.32
CA ALA A 391 -5.47 -11.52 3.35
C ALA A 391 -6.49 -12.19 2.44
N ILE A 392 -6.06 -13.29 1.81
CA ILE A 392 -6.94 -14.14 1.03
C ILE A 392 -8.26 -14.47 1.72
N LEU A 393 -8.19 -14.97 2.94
CA LEU A 393 -9.40 -15.20 3.72
C LEU A 393 -10.20 -13.92 3.91
N LYS A 394 -9.53 -12.83 4.25
CA LYS A 394 -10.19 -11.55 4.43
C LYS A 394 -11.04 -11.14 3.21
N ARG A 395 -10.42 -11.20 2.03
CA ARG A 395 -11.11 -10.82 0.79
C ARG A 395 -12.24 -11.79 0.45
N LYS A 396 -12.51 -12.70 1.38
CA LYS A 396 -13.47 -13.76 1.17
C LYS A 396 -14.64 -13.48 2.07
N VAL A 397 -14.30 -13.10 3.30
CA VAL A 397 -15.26 -12.84 4.35
C VAL A 397 -15.95 -11.54 4.00
N LEU A 398 -15.17 -10.61 3.44
CA LEU A 398 -15.75 -9.36 3.02
C LEU A 398 -16.76 -9.66 1.93
N ASP A 399 -16.32 -10.40 0.93
CA ASP A 399 -17.20 -10.78 -0.16
C ASP A 399 -18.54 -11.26 0.38
N LEU A 400 -18.50 -12.24 1.27
CA LEU A 400 -19.73 -12.75 1.84
C LEU A 400 -20.57 -11.65 2.40
N LEU A 401 -19.98 -10.85 3.30
CA LEU A 401 -20.70 -9.77 3.94
C LEU A 401 -21.29 -8.79 2.95
N LEU A 402 -20.52 -8.44 1.92
CA LEU A 402 -21.04 -7.59 0.86
C LEU A 402 -22.41 -8.02 0.30
N GLN A 403 -22.84 -9.24 0.61
CA GLN A 403 -24.16 -9.71 0.15
C GLN A 403 -25.30 -9.34 1.10
N GLU A 404 -24.96 -8.68 2.20
CA GLU A 404 -25.97 -8.32 3.14
C GLU A 404 -26.09 -6.81 3.24
N VAL A 405 -25.06 -6.09 2.83
CA VAL A 405 -25.07 -4.63 2.90
C VAL A 405 -25.99 -3.98 1.88
N LYS A 406 -26.25 -2.69 2.11
CA LYS A 406 -27.14 -1.89 1.29
C LYS A 406 -26.26 -1.27 0.22
N VAL A 407 -26.40 -1.71 -1.02
CA VAL A 407 -25.52 -1.25 -2.08
C VAL A 407 -26.26 -0.06 -2.62
N LYS A 408 -25.73 1.14 -2.42
CA LYS A 408 -26.37 2.34 -2.97
C LYS A 408 -25.80 2.60 -4.35
N VAL A 409 -26.67 2.77 -5.34
CA VAL A 409 -26.21 2.89 -6.73
C VAL A 409 -26.22 4.34 -7.16
N VAL A 410 -25.11 4.81 -7.75
CA VAL A 410 -25.00 6.21 -8.18
C VAL A 410 -24.78 6.30 -9.65
N GLU A 411 -25.29 7.36 -10.28
CA GLU A 411 -25.10 7.57 -11.72
C GLU A 411 -23.89 8.47 -12.00
N PRO A 412 -23.07 8.08 -13.01
CA PRO A 412 -21.84 8.73 -13.43
C PRO A 412 -21.98 10.22 -13.52
N LYS A 413 -20.97 10.92 -13.02
CA LYS A 413 -20.94 12.36 -13.10
C LYS A 413 -20.00 12.73 -14.24
N GLY A 414 -18.95 11.93 -14.42
CA GLY A 414 -18.01 12.12 -15.54
C GLY A 414 -17.91 10.91 -16.48
N MET B 1 15.73 15.30 -5.75
CA MET B 1 14.35 15.70 -6.17
C MET B 1 13.48 16.23 -5.01
N GLY B 2 12.62 17.20 -5.34
CA GLY B 2 11.80 17.88 -4.33
C GLY B 2 12.61 18.98 -3.66
N ARG B 3 12.02 20.18 -3.63
CA ARG B 3 12.67 21.33 -3.01
C ARG B 3 11.69 22.18 -2.21
N GLN B 4 12.18 23.28 -1.66
CA GLN B 4 11.40 24.15 -0.79
C GLN B 4 10.37 25.00 -1.56
N ILE B 5 9.50 24.34 -2.31
CA ILE B 5 8.40 25.02 -3.02
C ILE B 5 7.34 25.55 -2.03
N PRO B 6 6.87 26.80 -2.24
CA PRO B 6 5.99 27.48 -1.29
C PRO B 6 4.57 26.91 -1.24
N PRO B 7 3.95 26.89 -0.04
CA PRO B 7 2.58 26.39 0.16
C PRO B 7 1.55 26.94 -0.84
N ASP B 8 0.56 26.10 -1.14
CA ASP B 8 -0.59 26.51 -1.93
C ASP B 8 -1.29 27.70 -1.26
N PRO B 9 -2.04 28.50 -2.04
CA PRO B 9 -2.79 29.65 -1.53
C PRO B 9 -3.75 29.40 -0.35
N VAL B 10 -4.46 28.26 -0.31
CA VAL B 10 -5.44 27.99 0.77
C VAL B 10 -4.82 27.39 2.05
N PHE B 11 -4.46 26.11 2.01
CA PHE B 11 -3.83 25.47 3.17
C PHE B 11 -2.33 25.75 3.16
N GLY B 12 -1.80 26.31 4.25
CA GLY B 12 -0.39 26.72 4.30
C GLY B 12 0.60 25.58 4.29
N ASP B 13 0.21 24.44 3.72
CA ASP B 13 1.01 23.20 3.75
C ASP B 13 1.82 22.94 2.50
N VAL B 14 3.13 22.81 2.69
CA VAL B 14 4.08 22.44 1.65
C VAL B 14 3.66 21.18 0.88
N LEU B 15 3.00 20.26 1.57
CA LEU B 15 2.67 18.94 1.03
C LEU B 15 1.51 18.99 0.04
N VAL B 16 0.45 19.70 0.40
CA VAL B 16 -0.70 19.81 -0.49
C VAL B 16 -0.27 20.50 -1.76
N ALA B 17 0.60 21.48 -1.61
CA ALA B 17 1.18 22.13 -2.76
C ALA B 17 1.88 21.11 -3.64
N LYS B 18 2.60 20.18 -3.02
CA LYS B 18 3.29 19.13 -3.79
C LYS B 18 2.31 18.18 -4.45
N LEU B 19 1.14 18.00 -3.82
CA LEU B 19 0.09 17.10 -4.31
C LEU B 19 -0.56 17.69 -5.54
N ILE B 20 -1.02 18.94 -5.43
CA ILE B 20 -1.48 19.70 -6.58
C ILE B 20 -0.39 19.62 -7.64
N ASN B 21 0.81 19.99 -7.21
CA ASN B 21 1.97 19.96 -8.07
C ASN B 21 2.16 18.62 -8.76
N ARG B 22 1.62 17.55 -8.21
CA ARG B 22 1.78 16.26 -8.86
C ARG B 22 0.65 15.98 -9.84
N VAL B 23 -0.59 16.12 -9.37
CA VAL B 23 -1.77 15.85 -10.21
C VAL B 23 -1.75 16.63 -11.50
N MET B 24 -1.11 17.81 -11.47
CA MET B 24 -0.92 18.65 -12.65
C MET B 24 -0.57 17.86 -13.92
N TRP B 25 -1.21 18.21 -15.03
CA TRP B 25 -0.88 17.61 -16.31
C TRP B 25 -0.40 18.66 -17.31
N ASP B 26 0.81 18.42 -17.84
CA ASP B 26 1.48 19.34 -18.77
C ASP B 26 2.04 20.55 -18.02
N GLY B 27 1.16 21.47 -17.67
CA GLY B 27 1.49 22.70 -16.98
C GLY B 27 0.18 23.33 -16.56
N LYS B 28 -0.89 22.58 -16.78
CA LYS B 28 -2.25 23.03 -16.46
C LYS B 28 -2.53 23.00 -14.96
N LYS B 29 -2.08 24.06 -14.29
CA LYS B 29 -2.42 24.32 -12.91
C LYS B 29 -3.66 25.22 -12.92
N THR B 30 -4.18 25.56 -11.73
CA THR B 30 -5.47 26.29 -11.54
C THR B 30 -6.69 25.42 -11.93
N ILE B 31 -6.41 24.21 -12.42
CA ILE B 31 -7.42 23.21 -12.76
C ILE B 31 -7.29 22.07 -11.77
N ALA B 32 -6.06 21.60 -11.59
CA ALA B 32 -5.72 20.60 -10.59
C ALA B 32 -6.11 21.10 -9.21
N GLN B 33 -5.92 22.39 -8.97
CA GLN B 33 -6.39 23.04 -7.76
C GLN B 33 -7.83 22.60 -7.48
N LYS B 34 -8.71 22.93 -8.43
CA LYS B 34 -10.15 22.65 -8.35
C LYS B 34 -10.47 21.18 -8.02
N ILE B 35 -9.57 20.28 -8.42
CA ILE B 35 -9.66 18.87 -8.08
C ILE B 35 -9.20 18.67 -6.64
N VAL B 36 -7.94 19.01 -6.37
CA VAL B 36 -7.32 18.76 -5.08
C VAL B 36 -8.16 19.33 -3.94
N TYR B 37 -8.41 20.64 -3.96
CA TYR B 37 -9.22 21.28 -2.93
C TYR B 37 -10.63 20.71 -2.91
N GLY B 38 -11.04 20.17 -4.07
CA GLY B 38 -12.34 19.52 -4.20
C GLY B 38 -12.36 18.13 -3.61
N ALA B 39 -11.29 17.36 -3.82
CA ALA B 39 -11.19 16.06 -3.20
C ALA B 39 -11.08 16.26 -1.69
N PHE B 40 -10.60 17.42 -1.27
CA PHE B 40 -10.64 17.78 0.15
C PHE B 40 -12.05 18.01 0.65
N ASP B 41 -12.93 18.52 -0.22
CA ASP B 41 -14.32 18.77 0.15
C ASP B 41 -15.09 17.45 0.33
N ILE B 42 -14.78 16.48 -0.53
CA ILE B 42 -15.46 15.17 -0.49
C ILE B 42 -15.01 14.43 0.75
N ILE B 43 -13.73 14.57 1.07
CA ILE B 43 -13.14 13.86 2.20
C ILE B 43 -13.75 14.26 3.57
N ARG B 44 -14.00 15.56 3.77
CA ARG B 44 -14.68 16.00 5.00
C ARG B 44 -16.15 15.57 5.03
N GLU B 45 -16.75 15.39 3.85
CA GLU B 45 -18.12 14.88 3.75
C GLU B 45 -18.18 13.42 4.16
N LYS B 46 -17.19 12.64 3.73
CA LYS B 46 -17.20 11.21 3.97
C LYS B 46 -16.43 10.83 5.23
N THR B 47 -16.16 11.80 6.11
CA THR B 47 -15.47 11.53 7.37
C THR B 47 -15.88 12.47 8.47
N LYS B 48 -16.14 13.72 8.10
CA LYS B 48 -16.39 14.79 9.06
C LYS B 48 -15.16 15.00 9.95
N LYS B 49 -13.98 15.07 9.31
CA LYS B 49 -12.70 15.31 9.99
C LYS B 49 -11.90 16.28 9.14
N ASP B 50 -10.78 16.82 9.66
CA ASP B 50 -9.95 17.75 8.88
C ASP B 50 -9.15 17.06 7.77
N PRO B 51 -9.48 17.37 6.49
CA PRO B 51 -8.88 16.72 5.33
C PRO B 51 -7.37 16.85 5.28
N LEU B 52 -6.86 18.09 5.34
CA LEU B 52 -5.43 18.35 5.34
C LEU B 52 -4.71 17.40 6.29
N GLU B 53 -5.32 17.17 7.45
CA GLU B 53 -4.79 16.25 8.43
C GLU B 53 -4.96 14.79 8.01
N VAL B 54 -6.10 14.47 7.42
CA VAL B 54 -6.32 13.11 6.90
C VAL B 54 -5.32 12.81 5.79
N PHE B 55 -5.12 13.78 4.90
CA PHE B 55 -4.18 13.65 3.79
C PHE B 55 -2.79 13.28 4.29
N ARG B 56 -2.29 14.06 5.25
CA ARG B 56 -1.01 13.79 5.87
C ARG B 56 -0.91 12.34 6.28
N GLN B 57 -1.79 11.93 7.20
CA GLN B 57 -1.76 10.59 7.78
C GLN B 57 -1.99 9.52 6.72
N ALA B 58 -2.69 9.89 5.65
CA ALA B 58 -2.86 9.00 4.52
C ALA B 58 -1.57 8.85 3.74
N VAL B 59 -0.98 9.95 3.30
CA VAL B 59 0.32 9.86 2.63
C VAL B 59 1.35 9.17 3.54
N GLU B 60 1.47 9.61 4.79
CA GLU B 60 2.37 8.98 5.74
C GLU B 60 2.30 7.45 5.65
N ASN B 61 1.09 6.91 5.53
CA ASN B 61 0.91 5.47 5.46
C ASN B 61 1.45 4.87 4.18
N VAL B 62 1.26 5.56 3.06
CA VAL B 62 1.75 5.04 1.80
C VAL B 62 3.25 5.16 1.68
N LYS B 63 3.86 6.07 2.46
CA LYS B 63 5.32 6.24 2.41
C LYS B 63 5.96 4.89 2.59
N PRO B 64 6.66 4.41 1.56
CA PRO B 64 7.35 3.15 1.70
C PRO B 64 8.71 3.35 2.35
N VAL B 65 9.36 2.26 2.72
CA VAL B 65 10.64 2.37 3.39
C VAL B 65 11.76 1.75 2.55
N LEU B 66 11.41 0.81 1.70
CA LEU B 66 12.42 0.19 0.83
C LEU B 66 11.90 0.02 -0.58
N GLU B 67 12.81 -0.32 -1.49
CA GLU B 67 12.46 -0.58 -2.88
C GLU B 67 13.52 -1.46 -3.53
N VAL B 68 13.36 -1.67 -4.84
CA VAL B 68 14.30 -2.46 -5.63
C VAL B 68 14.69 -1.69 -6.89
N ARG B 69 15.99 -1.63 -7.18
CA ARG B 69 16.45 -1.03 -8.42
C ARG B 69 17.28 -2.01 -9.21
N PRO B 70 17.00 -2.12 -10.52
CA PRO B 70 17.74 -3.00 -11.42
C PRO B 70 19.19 -2.58 -11.56
N ARG B 71 20.07 -3.57 -11.59
CA ARG B 71 21.50 -3.32 -11.75
C ARG B 71 22.02 -4.17 -12.90
N ARG B 72 23.31 -4.02 -13.19
CA ARG B 72 23.99 -4.80 -14.21
C ARG B 72 25.43 -5.00 -13.74
N VAL B 73 25.79 -6.24 -13.42
CA VAL B 73 27.14 -6.58 -12.92
C VAL B 73 27.81 -7.65 -13.81
N GLY B 74 28.20 -7.23 -15.03
CA GLY B 74 28.76 -8.16 -16.02
C GLY B 74 27.73 -8.56 -17.06
N GLY B 75 26.68 -9.25 -16.60
CA GLY B 75 25.56 -9.61 -17.48
C GLY B 75 24.53 -8.50 -17.62
N ALA B 76 23.36 -8.71 -17.02
CA ALA B 76 22.23 -7.78 -17.12
C ALA B 76 21.10 -8.22 -16.20
N THR B 77 20.42 -7.24 -15.60
CA THR B 77 19.27 -7.47 -14.71
C THR B 77 19.61 -8.20 -13.40
N TYR B 78 19.79 -7.42 -12.33
CA TYR B 78 19.90 -7.97 -10.98
C TYR B 78 19.08 -7.13 -10.02
N GLN B 79 18.36 -7.81 -9.13
CA GLN B 79 17.43 -7.13 -8.22
C GLN B 79 18.11 -6.69 -6.92
N VAL B 80 18.27 -5.38 -6.77
CA VAL B 80 18.94 -4.79 -5.60
C VAL B 80 17.91 -4.11 -4.68
N PRO B 81 17.68 -4.70 -3.49
CA PRO B 81 16.82 -4.00 -2.53
C PRO B 81 17.57 -2.86 -1.86
N ILE B 82 17.00 -1.67 -1.88
CA ILE B 82 17.60 -0.54 -1.18
C ILE B 82 16.57 0.13 -0.29
N GLU B 83 17.06 0.81 0.74
CA GLU B 83 16.18 1.53 1.65
C GLU B 83 15.73 2.81 0.99
N VAL B 84 14.68 3.42 1.53
CA VAL B 84 14.16 4.65 0.98
C VAL B 84 13.88 5.63 2.10
N GLN B 85 14.59 6.76 2.06
CA GLN B 85 14.41 7.79 3.07
C GLN B 85 14.38 9.16 2.45
N GLU B 86 14.21 10.18 3.29
CA GLU B 86 14.23 11.59 2.87
C GLU B 86 13.18 11.88 1.80
N PRO B 87 13.19 13.09 1.20
CA PRO B 87 12.19 13.47 0.18
C PRO B 87 11.73 12.38 -0.81
N ARG B 88 12.52 11.31 -0.96
CA ARG B 88 12.24 10.27 -1.95
C ARG B 88 10.95 9.59 -1.67
N ARG B 89 10.79 9.11 -0.44
CA ARG B 89 9.55 8.44 -0.03
C ARG B 89 8.34 9.38 -0.14
N THR B 90 8.44 10.54 0.53
CA THR B 90 7.34 11.50 0.58
C THR B 90 6.85 11.78 -0.83
N SER B 91 7.78 11.72 -1.78
CA SER B 91 7.43 11.97 -3.15
C SER B 91 6.83 10.71 -3.73
N LEU B 92 7.50 9.59 -3.48
CA LEU B 92 7.07 8.29 -3.98
C LEU B 92 5.61 7.92 -3.65
N ALA B 93 5.17 8.36 -2.47
CA ALA B 93 3.80 8.13 -2.03
C ALA B 93 2.84 8.90 -2.92
N LEU B 94 3.03 10.21 -2.98
CA LEU B 94 2.21 11.09 -3.78
C LEU B 94 2.17 10.56 -5.18
N ARG B 95 3.37 10.24 -5.68
CA ARG B 95 3.54 9.70 -7.02
C ARG B 95 2.76 8.42 -7.25
N TRP B 96 2.17 7.90 -6.16
CA TRP B 96 1.41 6.64 -6.16
C TRP B 96 -0.06 6.83 -5.88
N ILE B 97 -0.37 7.64 -4.87
CA ILE B 97 -1.74 8.05 -4.56
C ILE B 97 -2.36 8.53 -5.84
N VAL B 98 -1.74 9.57 -6.37
CA VAL B 98 -2.25 10.24 -7.55
C VAL B 98 -2.19 9.29 -8.75
N GLU B 99 -1.04 8.67 -8.95
CA GLU B 99 -0.82 7.81 -10.12
C GLU B 99 -1.83 6.67 -10.27
N ALA B 100 -2.19 6.06 -9.15
CA ALA B 100 -3.15 4.95 -9.12
C ALA B 100 -4.60 5.43 -9.31
N ALA B 101 -4.89 6.61 -8.74
CA ALA B 101 -6.18 7.25 -8.92
C ALA B 101 -6.50 7.49 -10.40
N ARG B 102 -5.48 7.84 -11.18
CA ARG B 102 -5.60 8.09 -12.63
C ARG B 102 -6.12 6.89 -13.43
N ALA B 103 -5.44 5.74 -13.31
CA ALA B 103 -5.73 4.54 -14.10
C ALA B 103 -6.98 3.78 -13.64
N LYS B 104 -8.05 4.50 -13.30
CA LYS B 104 -9.23 3.85 -12.71
C LYS B 104 -10.49 3.80 -13.58
N LYS B 105 -11.56 3.31 -12.97
CA LYS B 105 -12.86 3.19 -13.61
C LYS B 105 -13.61 4.50 -13.37
N GLY B 106 -14.43 4.49 -12.31
CA GLY B 106 -15.21 5.63 -11.88
C GLY B 106 -15.67 6.55 -12.98
N ARG B 107 -15.55 7.84 -12.72
CA ARG B 107 -15.81 8.84 -13.73
C ARG B 107 -14.83 9.98 -13.49
N PRO B 108 -15.00 10.75 -12.39
CA PRO B 108 -14.17 11.95 -12.24
C PRO B 108 -12.89 11.65 -11.46
N MET B 109 -11.99 12.63 -11.41
CA MET B 109 -10.70 12.45 -10.77
C MET B 109 -10.77 13.04 -9.38
N LYS B 110 -11.62 14.04 -9.19
CA LYS B 110 -11.78 14.61 -7.87
C LYS B 110 -12.19 13.52 -6.92
N GLU B 111 -13.06 12.65 -7.42
CA GLU B 111 -13.62 11.54 -6.66
C GLU B 111 -12.61 10.41 -6.48
N LYS B 112 -12.06 9.89 -7.58
CA LYS B 112 -10.98 8.89 -7.51
C LYS B 112 -9.93 9.23 -6.45
N LEU B 113 -9.69 10.52 -6.24
CA LEU B 113 -8.65 11.01 -5.35
C LEU B 113 -9.06 10.84 -3.91
N ALA B 114 -10.18 11.45 -3.56
CA ALA B 114 -10.79 11.24 -2.25
C ALA B 114 -10.79 9.74 -1.93
N GLU B 115 -11.18 8.95 -2.93
CA GLU B 115 -11.29 7.49 -2.82
C GLU B 115 -9.98 6.86 -2.41
N GLU B 116 -8.88 7.33 -2.95
CA GLU B 116 -7.60 6.79 -2.55
C GLU B 116 -7.20 7.34 -1.19
N ILE B 117 -7.10 8.66 -1.09
CA ILE B 117 -6.74 9.32 0.18
C ILE B 117 -7.47 8.72 1.39
N ILE B 118 -8.75 8.39 1.22
CA ILE B 118 -9.51 7.81 2.32
C ILE B 118 -9.16 6.33 2.55
N ALA B 119 -9.13 5.55 1.48
CA ALA B 119 -8.75 4.14 1.56
C ALA B 119 -7.35 4.07 2.16
N ALA B 120 -6.43 4.81 1.56
CA ALA B 120 -5.09 4.94 2.12
C ALA B 120 -5.17 5.40 3.56
N TYR B 121 -6.09 6.32 3.84
CA TYR B 121 -6.26 6.78 5.21
C TYR B 121 -6.56 5.58 6.12
N ASN B 122 -7.27 4.60 5.59
CA ASN B 122 -7.61 3.42 6.36
C ASN B 122 -6.77 2.20 6.01
N ASN B 123 -5.53 2.44 5.66
CA ASN B 123 -4.55 1.39 5.34
C ASN B 123 -5.03 0.31 4.35
N THR B 124 -5.87 0.70 3.41
CA THR B 124 -6.19 -0.14 2.24
C THR B 124 -6.19 0.66 0.93
N GLY B 125 -6.38 -0.03 -0.20
CA GLY B 125 -6.35 0.60 -1.53
C GLY B 125 -5.12 0.23 -2.31
N THR B 126 -5.26 0.12 -3.63
CA THR B 126 -4.12 -0.16 -4.53
C THR B 126 -2.88 0.67 -4.22
N ALA B 127 -3.11 1.89 -3.72
CA ALA B 127 -2.07 2.82 -3.31
C ALA B 127 -1.05 2.15 -2.42
N ILE B 128 -1.56 1.44 -1.43
CA ILE B 128 -0.78 0.83 -0.40
C ILE B 128 -0.29 -0.52 -0.84
N LYS B 129 -1.00 -1.16 -1.77
CA LYS B 129 -0.55 -2.45 -2.25
C LYS B 129 0.87 -2.30 -2.76
N LYS B 130 1.13 -1.29 -3.59
CA LYS B 130 2.51 -1.00 -4.04
C LYS B 130 3.48 -0.90 -2.87
N LYS B 131 3.07 -0.21 -1.81
CA LYS B 131 3.89 -0.03 -0.63
C LYS B 131 4.37 -1.39 -0.15
N GLU B 132 3.46 -2.17 0.42
CA GLU B 132 3.80 -3.47 1.01
C GLU B 132 4.16 -4.51 -0.04
N ASP B 133 3.98 -4.16 -1.32
CA ASP B 133 4.18 -5.10 -2.43
C ASP B 133 5.65 -5.32 -2.68
N THR B 134 6.35 -4.24 -2.99
CA THR B 134 7.80 -4.27 -3.11
C THR B 134 8.35 -4.77 -1.75
N HIS B 135 7.82 -4.18 -0.68
CA HIS B 135 8.24 -4.49 0.69
C HIS B 135 8.29 -5.99 0.99
N ARG B 136 7.39 -6.77 0.39
CA ARG B 136 7.36 -8.23 0.56
C ARG B 136 8.49 -8.91 -0.20
N MET B 137 8.77 -8.42 -1.41
CA MET B 137 9.89 -8.90 -2.19
C MET B 137 11.18 -8.21 -1.75
N ALA B 138 11.05 -7.31 -0.79
CA ALA B 138 12.23 -6.75 -0.12
C ALA B 138 12.86 -7.86 0.70
N GLU B 139 12.01 -8.59 1.41
CA GLU B 139 12.43 -9.76 2.18
C GLU B 139 12.34 -11.02 1.31
N ALA B 140 12.26 -10.81 0.01
CA ALA B 140 12.40 -11.88 -0.98
C ALA B 140 13.77 -11.78 -1.65
N ASN B 141 14.10 -10.59 -2.17
CA ASN B 141 15.39 -10.34 -2.81
C ASN B 141 16.51 -10.00 -1.81
N ARG B 142 16.26 -10.40 -0.56
CA ARG B 142 17.15 -10.17 0.58
C ARG B 142 18.63 -10.51 0.33
N ALA B 143 18.86 -11.65 -0.34
CA ALA B 143 20.20 -12.21 -0.56
C ALA B 143 21.14 -11.36 -1.44
N PHE B 144 20.57 -10.31 -2.07
CA PHE B 144 21.33 -9.42 -2.96
C PHE B 144 21.48 -7.99 -2.38
N ALA B 145 21.63 -7.90 -1.07
CA ALA B 145 21.82 -6.63 -0.39
C ALA B 145 23.27 -6.16 -0.44
N HIS B 146 24.18 -7.04 -0.87
CA HIS B 146 25.60 -6.72 -0.96
C HIS B 146 25.98 -6.03 -2.28
N TYR B 147 25.11 -6.17 -3.28
CA TYR B 147 25.23 -5.42 -4.54
C TYR B 147 24.87 -3.95 -4.31
N ARG B 148 24.53 -3.60 -3.07
CA ARG B 148 24.05 -2.26 -2.73
C ARG B 148 25.05 -1.17 -3.08
N TRP B 149 24.50 -0.02 -3.47
CA TRP B 149 25.29 1.11 -3.97
C TRP B 149 24.97 2.41 -3.25
#